data_5W8G
#
_entry.id   5W8G
#
_cell.length_a   90.117
_cell.length_b   90.117
_cell.length_c   98.055
_cell.angle_alpha   90.00
_cell.angle_beta   90.00
_cell.angle_gamma   120.00
#
_symmetry.space_group_name_H-M   'P 32 2 1'
#
loop_
_entity.id
_entity.type
_entity.pdbx_description
1 polymer 'Autoinducer synthase'
2 non-polymer S-ADENOSYL-L-HOMOCYSTEINE
3 non-polymer 'SULFATE ION'
4 water water
#
_entity_poly.entity_id   1
_entity_poly.type   'polypeptide(L)'
_entity_poly.pdbx_seq_one_letter_code
;GAMIHAISAVNRHLYEDVLEQHFRLRHDIFVEERHWETLRRPDGREVDSYDDEDTVYLLALEGRRVVGGHRLYPTTKPSM
MSEVFPHLAAVRGCPSDPLIWEWSRYFVVRDRRDGALNLQLMAAVQEFCLDQGIAQVSAIMETWWLPRFHEAGFVVTPLG
LPALVENAWTMAATVDIRRQTLDVLHDRIGMPSIVQQDGPRLDAVARANLCGLAAAQRKSA
;
_entity_poly.pdbx_strand_id   A
#
# COMPACT_ATOMS: atom_id res chain seq x y z
N GLY A 1 19.06 4.53 -9.74
CA GLY A 1 19.79 4.09 -8.52
C GLY A 1 18.92 3.27 -7.58
N ALA A 2 18.39 3.92 -6.55
CA ALA A 2 17.53 3.27 -5.55
C ALA A 2 16.15 2.93 -6.11
N MET A 3 15.63 1.76 -5.74
CA MET A 3 14.38 1.25 -6.30
C MET A 3 13.39 0.83 -5.21
N ILE A 4 12.14 0.60 -5.63
CA ILE A 4 11.12 0.00 -4.77
C ILE A 4 11.09 -1.49 -5.06
N HIS A 5 11.28 -2.30 -4.02
CA HIS A 5 11.31 -3.75 -4.18
C HIS A 5 9.98 -4.39 -3.85
N ALA A 6 9.49 -5.24 -4.75
CA ALA A 6 8.28 -6.02 -4.51
C ALA A 6 8.62 -7.30 -3.78
N ILE A 7 8.12 -7.43 -2.55
CA ILE A 7 8.45 -8.55 -1.66
C ILE A 7 7.19 -9.32 -1.33
N SER A 8 7.20 -10.62 -1.60
CA SER A 8 6.06 -11.48 -1.35
C SER A 8 6.49 -12.84 -0.81
N ALA A 9 5.54 -13.76 -0.66
CA ALA A 9 5.83 -15.11 -0.19
C ALA A 9 6.86 -15.85 -1.04
N VAL A 10 6.88 -15.57 -2.35
CA VAL A 10 7.77 -16.29 -3.27
C VAL A 10 9.24 -15.82 -3.24
N ASN A 11 9.49 -14.62 -2.73
CA ASN A 11 10.86 -14.10 -2.69
C ASN A 11 11.31 -13.50 -1.36
N ARG A 12 10.52 -13.68 -0.30
CA ARG A 12 10.84 -13.05 0.98
C ARG A 12 12.07 -13.65 1.67
N HIS A 13 12.48 -14.83 1.21
CA HIS A 13 13.73 -15.44 1.65
C HIS A 13 14.95 -14.57 1.31
N LEU A 14 14.78 -13.64 0.37
CA LEU A 14 15.83 -12.70 0.02
C LEU A 14 15.71 -11.37 0.78
N TYR A 15 14.72 -11.26 1.66
CA TYR A 15 14.39 -9.99 2.28
C TYR A 15 14.02 -10.05 3.76
N GLU A 16 14.37 -11.13 4.46
CA GLU A 16 13.94 -11.26 5.86
C GLU A 16 14.45 -10.15 6.77
N ASP A 17 15.69 -9.71 6.53
CA ASP A 17 16.29 -8.57 7.21
C ASP A 17 15.50 -7.29 7.00
N VAL A 18 15.21 -7.02 5.74
CA VAL A 18 14.50 -5.82 5.30
C VAL A 18 13.07 -5.81 5.87
N LEU A 19 12.41 -6.95 5.83
CA LEU A 19 11.03 -7.04 6.35
C LEU A 19 10.94 -6.71 7.83
N GLU A 20 11.84 -7.28 8.64
CA GLU A 20 11.86 -6.99 10.07
C GLU A 20 12.13 -5.51 10.34
N GLN A 21 13.06 -4.95 9.58
CA GLN A 21 13.36 -3.52 9.66
C GLN A 21 12.11 -2.67 9.40
N HIS A 22 11.31 -3.06 8.40
CA HIS A 22 10.12 -2.28 8.04
C HIS A 22 9.01 -2.38 9.10
N PHE A 23 8.90 -3.53 9.77
CA PHE A 23 7.93 -3.68 10.86
C PHE A 23 8.24 -2.74 12.02
N ARG A 24 9.52 -2.55 12.30
CA ARG A 24 9.96 -1.64 13.37
C ARG A 24 9.76 -0.18 12.99
N LEU A 25 10.05 0.16 11.73
CA LEU A 25 9.80 1.51 11.21
C LEU A 25 8.31 1.87 11.25
N ARG A 26 7.46 0.92 10.87
CA ARG A 26 6.01 1.09 10.97
C ARG A 26 5.60 1.40 12.41
N HIS A 27 6.26 0.77 13.38
CA HIS A 27 5.97 1.06 14.78
C HIS A 27 6.42 2.49 15.13
N ASP A 28 7.62 2.85 14.70
CA ASP A 28 8.15 4.21 14.90
C ASP A 28 7.21 5.26 14.34
N ILE A 29 6.71 5.02 13.13
CA ILE A 29 5.94 6.02 12.39
C ILE A 29 4.46 6.02 12.76
N PHE A 30 3.78 4.89 12.62
CA PHE A 30 2.34 4.85 12.85
C PHE A 30 1.95 4.90 14.32
N VAL A 31 2.77 4.28 15.17
CA VAL A 31 2.48 4.27 16.61
C VAL A 31 3.10 5.46 17.34
N GLU A 32 4.42 5.59 17.30
CA GLU A 32 5.10 6.63 18.09
C GLU A 32 4.89 8.03 17.53
N GLU A 33 4.86 8.17 16.20
CA GLU A 33 4.67 9.49 15.57
C GLU A 33 3.19 9.85 15.33
N ARG A 34 2.45 8.96 14.66
CA ARG A 34 1.06 9.23 14.30
C ARG A 34 0.09 8.95 15.45
N HIS A 35 0.55 8.26 16.48
CA HIS A 35 -0.26 7.92 17.65
C HIS A 35 -1.47 7.05 17.33
N TRP A 36 -1.32 6.10 16.42
CA TRP A 36 -2.36 5.10 16.19
C TRP A 36 -2.22 4.04 17.28
N GLU A 37 -2.70 4.37 18.47
CA GLU A 37 -2.46 3.57 19.67
C GLU A 37 -3.00 2.15 19.61
N THR A 38 -4.06 1.92 18.83
CA THR A 38 -4.62 0.56 18.70
C THR A 38 -3.60 -0.41 18.10
N LEU A 39 -2.57 0.12 17.44
CA LEU A 39 -1.54 -0.69 16.79
C LEU A 39 -0.27 -0.90 17.63
N ARG A 40 -0.23 -0.31 18.82
CA ARG A 40 0.96 -0.43 19.67
C ARG A 40 1.18 -1.87 20.09
N ARG A 41 2.42 -2.33 20.01
CA ARG A 41 2.76 -3.68 20.44
C ARG A 41 4.04 -3.66 21.27
N PRO A 42 4.13 -4.54 22.29
CA PRO A 42 5.27 -4.51 23.21
C PRO A 42 6.59 -5.02 22.61
N ASP A 43 6.52 -5.70 21.47
CA ASP A 43 7.73 -6.13 20.76
C ASP A 43 8.33 -5.02 19.88
N GLY A 44 7.64 -3.88 19.82
CA GLY A 44 8.08 -2.76 18.98
C GLY A 44 7.98 -3.02 17.49
N ARG A 45 7.20 -4.03 17.13
CA ARG A 45 6.94 -4.38 15.73
C ARG A 45 5.47 -4.10 15.44
N GLU A 46 5.21 -3.33 14.40
CA GLU A 46 3.85 -2.98 14.03
C GLU A 46 3.35 -3.99 13.00
N VAL A 47 2.61 -4.99 13.49
CA VAL A 47 2.18 -6.14 12.70
C VAL A 47 0.70 -6.37 13.00
N ASP A 48 -0.13 -6.48 11.95
CA ASP A 48 -1.55 -6.74 12.16
C ASP A 48 -2.04 -8.02 11.45
N SER A 49 -3.35 -8.23 11.44
CA SER A 49 -3.96 -9.43 10.85
C SER A 49 -3.76 -9.54 9.35
N TYR A 50 -3.32 -8.45 8.72
CA TYR A 50 -3.15 -8.40 7.26
C TYR A 50 -1.67 -8.47 6.85
N ASP A 51 -0.83 -8.81 7.83
CA ASP A 51 0.54 -9.20 7.58
C ASP A 51 0.60 -10.72 7.69
N ASP A 52 0.42 -11.41 6.57
CA ASP A 52 0.52 -12.87 6.53
C ASP A 52 1.19 -13.36 5.25
N GLU A 53 0.99 -14.62 4.90
CA GLU A 53 1.63 -15.21 3.73
C GLU A 53 1.19 -14.61 2.38
N ASP A 54 0.04 -13.93 2.37
CA ASP A 54 -0.51 -13.38 1.13
C ASP A 54 -0.26 -11.88 0.91
N THR A 55 0.35 -11.25 1.91
CA THR A 55 0.69 -9.84 1.83
C THR A 55 1.83 -9.59 0.84
N VAL A 56 1.74 -8.50 0.09
CA VAL A 56 2.83 -8.05 -0.77
C VAL A 56 3.32 -6.71 -0.23
N TYR A 57 4.64 -6.58 -0.08
CA TYR A 57 5.23 -5.36 0.42
C TYR A 57 5.99 -4.67 -0.70
N LEU A 58 5.77 -3.37 -0.86
CA LEU A 58 6.53 -2.57 -1.81
C LEU A 58 7.39 -1.60 -1.02
N LEU A 59 8.67 -1.96 -0.84
CA LEU A 59 9.56 -1.20 0.05
C LEU A 59 10.67 -0.50 -0.70
N ALA A 60 10.79 0.80 -0.44
CA ALA A 60 11.88 1.63 -0.97
C ALA A 60 13.16 1.31 -0.23
N LEU A 61 14.15 0.84 -0.97
CA LEU A 61 15.45 0.47 -0.40
C LEU A 61 16.58 1.35 -0.90
N GLU A 62 17.41 1.81 0.03
CA GLU A 62 18.68 2.43 -0.31
C GLU A 62 19.75 1.49 0.24
N GLY A 63 20.32 0.69 -0.66
CA GLY A 63 21.12 -0.47 -0.25
C GLY A 63 20.20 -1.46 0.41
N ARG A 64 20.39 -1.67 1.72
CA ARG A 64 19.48 -2.51 2.50
C ARG A 64 18.68 -1.69 3.52
N ARG A 65 18.80 -0.37 3.47
CA ARG A 65 18.04 0.51 4.35
C ARG A 65 16.64 0.78 3.79
N VAL A 66 15.61 0.48 4.58
CA VAL A 66 14.23 0.80 4.22
C VAL A 66 13.97 2.28 4.46
N VAL A 67 13.62 3.02 3.42
CA VAL A 67 13.35 4.46 3.54
C VAL A 67 11.89 4.84 3.31
N GLY A 68 11.08 3.87 2.89
CA GLY A 68 9.66 4.12 2.68
C GLY A 68 8.99 2.87 2.16
N GLY A 69 7.68 2.92 2.00
CA GLY A 69 6.97 1.76 1.48
C GLY A 69 5.47 1.78 1.70
N HIS A 70 4.83 0.71 1.26
CA HIS A 70 3.42 0.45 1.49
C HIS A 70 3.16 -1.03 1.24
N ARG A 71 1.93 -1.49 1.47
CA ARG A 71 1.62 -2.91 1.32
C ARG A 71 0.30 -3.13 0.59
N LEU A 72 0.17 -4.32 0.02
CA LEU A 72 -1.03 -4.72 -0.70
C LEU A 72 -1.51 -6.07 -0.18
N TYR A 73 -2.82 -6.22 -0.10
CA TYR A 73 -3.43 -7.43 0.48
C TYR A 73 -4.65 -7.82 -0.36
N PRO A 74 -4.83 -9.13 -0.66
CA PRO A 74 -5.93 -9.51 -1.54
C PRO A 74 -7.31 -9.31 -0.90
N THR A 75 -8.26 -8.74 -1.63
CA THR A 75 -9.61 -8.55 -1.11
C THR A 75 -10.46 -9.83 -1.18
N THR A 76 -9.87 -10.90 -1.70
CA THR A 76 -10.53 -12.22 -1.70
C THR A 76 -10.46 -12.88 -0.31
N LYS A 77 -9.60 -12.33 0.56
CA LYS A 77 -9.52 -12.72 1.97
C LYS A 77 -10.25 -11.66 2.78
N PRO A 78 -10.66 -11.98 4.04
CA PRO A 78 -11.14 -10.92 4.90
C PRO A 78 -10.13 -9.78 4.97
N SER A 79 -10.60 -8.56 4.78
CA SER A 79 -9.73 -7.39 4.64
C SER A 79 -9.99 -6.38 5.75
N MET A 80 -9.13 -5.37 5.85
CA MET A 80 -9.36 -4.31 6.82
C MET A 80 -10.70 -3.62 6.58
N MET A 81 -11.04 -3.40 5.31
CA MET A 81 -12.30 -2.77 4.99
C MET A 81 -13.49 -3.65 5.35
N SER A 82 -13.43 -4.94 5.02
CA SER A 82 -14.56 -5.83 5.30
C SER A 82 -14.73 -6.14 6.79
N GLU A 83 -13.61 -6.21 7.51
CA GLU A 83 -13.63 -6.60 8.93
C GLU A 83 -13.70 -5.42 9.90
N VAL A 84 -12.94 -4.38 9.62
CA VAL A 84 -12.80 -3.26 10.56
C VAL A 84 -13.69 -2.08 10.18
N PHE A 85 -13.74 -1.75 8.89
CA PHE A 85 -14.46 -0.54 8.46
C PHE A 85 -15.58 -0.76 7.42
N PRO A 86 -16.40 -1.83 7.57
CA PRO A 86 -17.39 -2.04 6.50
C PRO A 86 -18.43 -0.92 6.39
N HIS A 87 -18.67 -0.21 7.49
CA HIS A 87 -19.62 0.92 7.51
C HIS A 87 -19.16 2.09 6.65
N LEU A 88 -17.86 2.16 6.34
CA LEU A 88 -17.33 3.19 5.46
C LEU A 88 -17.60 2.91 3.99
N ALA A 89 -18.04 1.69 3.68
CA ALA A 89 -18.27 1.29 2.29
C ALA A 89 -19.72 0.82 2.09
N ALA A 90 -20.63 1.36 2.90
CA ALA A 90 -22.02 0.92 2.90
C ALA A 90 -22.78 1.29 1.62
N VAL A 91 -22.37 2.35 0.94
CA VAL A 91 -23.05 2.78 -0.29
C VAL A 91 -22.77 1.83 -1.46
N ARG A 92 -21.50 1.58 -1.73
CA ARG A 92 -21.10 0.80 -2.90
C ARG A 92 -20.74 -0.66 -2.58
N GLY A 93 -20.40 -0.93 -1.33
CA GLY A 93 -19.97 -2.28 -0.90
C GLY A 93 -18.46 -2.43 -0.81
N CYS A 94 -18.01 -3.27 0.12
CA CYS A 94 -16.59 -3.61 0.24
C CYS A 94 -16.15 -4.46 -0.96
N PRO A 95 -14.98 -4.14 -1.55
CA PRO A 95 -14.48 -4.94 -2.66
C PRO A 95 -14.14 -6.37 -2.26
N SER A 96 -14.34 -7.30 -3.18
CA SER A 96 -13.94 -8.69 -3.00
C SER A 96 -13.73 -9.30 -4.39
N ASP A 97 -12.49 -9.28 -4.85
CA ASP A 97 -12.17 -9.59 -6.25
C ASP A 97 -10.67 -9.81 -6.35
N PRO A 98 -10.24 -10.86 -7.09
CA PRO A 98 -8.80 -11.08 -7.30
C PRO A 98 -8.12 -9.89 -7.98
N LEU A 99 -8.90 -9.06 -8.68
CA LEU A 99 -8.36 -7.91 -9.40
C LEU A 99 -8.39 -6.60 -8.59
N ILE A 100 -8.81 -6.70 -7.32
CA ILE A 100 -8.79 -5.54 -6.42
C ILE A 100 -8.00 -5.93 -5.17
N TRP A 101 -6.95 -5.16 -4.88
CA TRP A 101 -6.12 -5.39 -3.70
C TRP A 101 -6.16 -4.19 -2.77
N GLU A 102 -6.15 -4.45 -1.47
CA GLU A 102 -6.25 -3.42 -0.45
C GLU A 102 -4.88 -2.81 -0.19
N TRP A 103 -4.81 -1.47 -0.20
CA TRP A 103 -3.55 -0.74 -0.11
C TRP A 103 -3.48 0.01 1.21
N SER A 104 -2.39 -0.18 1.96
CA SER A 104 -2.27 0.41 3.30
C SER A 104 -0.81 0.63 3.73
N ARG A 105 -0.65 1.30 4.87
CA ARG A 105 0.64 1.48 5.55
C ARG A 105 1.68 2.22 4.70
N TYR A 106 1.23 3.29 4.04
CA TYR A 106 2.10 4.18 3.25
C TYR A 106 2.93 5.03 4.20
N PHE A 107 4.25 4.95 4.07
CA PHE A 107 5.15 5.71 4.93
C PHE A 107 6.41 6.15 4.20
N VAL A 108 7.00 7.26 4.68
CA VAL A 108 8.29 7.74 4.23
C VAL A 108 9.05 8.12 5.51
N VAL A 109 10.28 7.63 5.67
CA VAL A 109 11.08 7.97 6.85
C VAL A 109 11.38 9.47 6.86
N ARG A 110 11.54 10.06 8.05
CA ARG A 110 11.77 11.51 8.17
C ARG A 110 12.86 12.05 7.24
N ASP A 111 13.97 11.30 7.15
CA ASP A 111 15.13 11.68 6.32
C ASP A 111 14.83 11.85 4.83
N ARG A 112 13.71 11.30 4.36
CA ARG A 112 13.40 11.30 2.93
C ARG A 112 12.09 12.02 2.58
N ARG A 113 11.49 12.70 3.56
CA ARG A 113 10.24 13.43 3.32
C ARG A 113 10.47 14.71 2.53
N ASP A 114 9.42 15.16 1.83
CA ASP A 114 9.46 16.36 1.00
C ASP A 114 10.59 16.31 -0.05
N GLY A 115 10.79 15.13 -0.63
CA GLY A 115 11.80 14.92 -1.66
C GLY A 115 11.24 14.12 -2.82
N ALA A 116 12.12 13.40 -3.51
CA ALA A 116 11.73 12.62 -4.69
C ALA A 116 11.01 11.31 -4.38
N LEU A 117 11.19 10.79 -3.17
CA LEU A 117 10.67 9.47 -2.83
C LEU A 117 9.15 9.36 -2.90
N ASN A 118 8.45 10.39 -2.47
CA ASN A 118 6.99 10.34 -2.42
C ASN A 118 6.36 9.96 -3.77
N LEU A 119 6.73 10.68 -4.83
CA LEU A 119 6.16 10.41 -6.14
C LEU A 119 6.59 9.04 -6.69
N GLN A 120 7.77 8.57 -6.30
CA GLN A 120 8.23 7.23 -6.66
C GLN A 120 7.35 6.15 -6.04
N LEU A 121 6.94 6.38 -4.79
CA LEU A 121 6.04 5.44 -4.11
C LEU A 121 4.66 5.41 -4.74
N MET A 122 4.16 6.56 -5.17
CA MET A 122 2.90 6.65 -5.91
C MET A 122 2.99 5.90 -7.23
N ALA A 123 4.10 6.08 -7.95
CA ALA A 123 4.36 5.36 -9.19
C ALA A 123 4.44 3.85 -8.96
N ALA A 124 5.06 3.46 -7.84
CA ALA A 124 5.28 2.05 -7.52
C ALA A 124 4.01 1.20 -7.45
N VAL A 125 2.97 1.72 -6.79
CA VAL A 125 1.70 0.99 -6.70
C VAL A 125 1.07 0.80 -8.09
N GLN A 126 1.14 1.82 -8.93
CA GLN A 126 0.61 1.73 -10.29
C GLN A 126 1.41 0.74 -11.15
N GLU A 127 2.73 0.79 -11.03
CA GLU A 127 3.62 -0.07 -11.84
C GLU A 127 3.48 -1.54 -11.48
N PHE A 128 3.50 -1.83 -10.19
CA PHE A 128 3.35 -3.22 -9.73
C PHE A 128 2.00 -3.80 -10.16
N CYS A 129 0.92 -3.08 -9.90
CA CYS A 129 -0.42 -3.55 -10.24
C CYS A 129 -0.64 -3.72 -11.74
N LEU A 130 -0.13 -2.79 -12.54
CA LEU A 130 -0.26 -2.91 -14.00
C LEU A 130 0.47 -4.15 -14.52
N ASP A 131 1.68 -4.37 -13.99
CA ASP A 131 2.48 -5.56 -14.35
C ASP A 131 1.75 -6.86 -13.99
N GLN A 132 1.06 -6.84 -12.85
CA GLN A 132 0.34 -8.02 -12.37
C GLN A 132 -1.07 -8.14 -12.94
N GLY A 133 -1.52 -7.10 -13.63
CA GLY A 133 -2.87 -7.08 -14.18
C GLY A 133 -3.96 -6.82 -13.14
N ILE A 134 -3.57 -6.22 -12.02
CA ILE A 134 -4.52 -5.79 -10.99
C ILE A 134 -5.20 -4.51 -11.49
N ALA A 135 -6.53 -4.47 -11.41
CA ALA A 135 -7.32 -3.38 -12.01
C ALA A 135 -7.52 -2.18 -11.09
N GLN A 136 -7.65 -2.44 -9.79
CA GLN A 136 -7.92 -1.39 -8.81
C GLN A 136 -7.25 -1.71 -7.49
N VAL A 137 -6.96 -0.66 -6.70
CA VAL A 137 -6.63 -0.87 -5.31
C VAL A 137 -7.69 -0.20 -4.45
N SER A 138 -7.91 -0.71 -3.26
CA SER A 138 -8.89 -0.16 -2.34
C SER A 138 -8.16 0.37 -1.12
N ALA A 139 -8.72 1.39 -0.49
CA ALA A 139 -8.07 2.02 0.64
C ALA A 139 -9.08 2.59 1.61
N ILE A 140 -8.73 2.58 2.89
CA ILE A 140 -9.44 3.35 3.89
C ILE A 140 -8.45 4.45 4.21
N MET A 141 -8.76 5.68 3.81
CA MET A 141 -7.78 6.72 4.01
C MET A 141 -8.34 8.00 4.58
N GLU A 142 -7.47 8.71 5.29
CA GLU A 142 -7.80 10.03 5.78
CA GLU A 142 -7.78 10.04 5.79
C GLU A 142 -8.09 10.93 4.59
N THR A 143 -9.08 11.81 4.75
CA THR A 143 -9.56 12.62 3.63
C THR A 143 -8.49 13.54 3.02
N TRP A 144 -7.43 13.87 3.78
CA TRP A 144 -6.34 14.70 3.22
C TRP A 144 -5.58 13.99 2.10
N TRP A 145 -5.80 12.68 1.95
CA TRP A 145 -5.21 11.95 0.83
C TRP A 145 -5.81 12.31 -0.53
N LEU A 146 -7.05 12.79 -0.54
CA LEU A 146 -7.75 13.08 -1.81
C LEU A 146 -6.99 14.05 -2.75
N PRO A 147 -6.54 15.22 -2.24
CA PRO A 147 -5.75 16.09 -3.13
C PRO A 147 -4.40 15.49 -3.54
N ARG A 148 -3.80 14.66 -2.68
CA ARG A 148 -2.54 13.98 -3.01
C ARG A 148 -2.74 12.98 -4.15
N PHE A 149 -3.82 12.21 -4.08
CA PHE A 149 -4.18 11.29 -5.16
C PHE A 149 -4.41 12.06 -6.46
N HIS A 150 -5.18 13.15 -6.37
CA HIS A 150 -5.48 13.94 -7.56
C HIS A 150 -4.23 14.56 -8.18
N GLU A 151 -3.30 15.02 -7.34
CA GLU A 151 -2.04 15.61 -7.80
C GLU A 151 -1.19 14.58 -8.57
N ALA A 152 -1.31 13.31 -8.20
CA ALA A 152 -0.57 12.24 -8.86
C ALA A 152 -1.33 11.64 -10.05
N GLY A 153 -2.50 12.20 -10.34
CA GLY A 153 -3.32 11.73 -11.45
C GLY A 153 -4.12 10.45 -11.19
N PHE A 154 -4.22 10.05 -9.91
CA PHE A 154 -4.97 8.84 -9.54
C PHE A 154 -6.47 9.06 -9.74
N VAL A 155 -7.13 8.10 -10.39
CA VAL A 155 -8.58 8.13 -10.57
C VAL A 155 -9.22 7.46 -9.35
N VAL A 156 -10.01 8.23 -8.60
CA VAL A 156 -10.54 7.78 -7.30
C VAL A 156 -12.05 7.62 -7.32
N THR A 157 -12.54 6.50 -6.80
CA THR A 157 -13.98 6.23 -6.69
C THR A 157 -14.36 5.98 -5.22
N PRO A 158 -15.03 6.97 -4.58
CA PRO A 158 -15.51 6.79 -3.21
C PRO A 158 -16.51 5.63 -3.10
N LEU A 159 -16.44 4.88 -2.00
CA LEU A 159 -17.32 3.72 -1.79
C LEU A 159 -18.41 3.99 -0.75
N GLY A 160 -18.27 5.07 0.01
CA GLY A 160 -19.26 5.40 1.03
C GLY A 160 -19.09 6.80 1.56
N LEU A 161 -19.84 7.12 2.61
CA LEU A 161 -19.78 8.43 3.21
C LEU A 161 -18.54 8.54 4.09
N PRO A 162 -17.84 9.69 4.03
CA PRO A 162 -16.76 9.92 4.98
C PRO A 162 -17.29 9.86 6.42
N ALA A 163 -16.43 9.46 7.35
CA ALA A 163 -16.80 9.38 8.76
C ALA A 163 -15.57 9.60 9.63
N LEU A 164 -15.80 10.02 10.87
CA LEU A 164 -14.73 10.16 11.83
C LEU A 164 -14.25 8.79 12.30
N VAL A 165 -12.95 8.59 12.24
CA VAL A 165 -12.31 7.40 12.80
C VAL A 165 -11.26 7.94 13.77
N GLU A 166 -11.47 7.69 15.05
CA GLU A 166 -10.57 8.18 16.11
C GLU A 166 -10.12 9.62 15.87
N ASN A 167 -11.09 10.54 15.81
CA ASN A 167 -10.84 11.99 15.62
C ASN A 167 -10.35 12.45 14.25
N ALA A 168 -10.30 11.55 13.27
CA ALA A 168 -9.81 11.91 11.94
C ALA A 168 -10.84 11.54 10.88
N TRP A 169 -11.14 12.48 9.99
CA TRP A 169 -12.05 12.24 8.88
C TRP A 169 -11.43 11.26 7.88
N THR A 170 -12.18 10.20 7.60
CA THR A 170 -11.67 9.02 6.91
C THR A 170 -12.73 8.55 5.92
N MET A 171 -12.29 7.93 4.82
CA MET A 171 -13.21 7.44 3.80
CA MET A 171 -13.19 7.49 3.76
C MET A 171 -12.68 6.20 3.10
N ALA A 172 -13.59 5.39 2.57
CA ALA A 172 -13.24 4.19 1.81
C ALA A 172 -13.33 4.53 0.34
N ALA A 173 -12.36 4.09 -0.44
CA ALA A 173 -12.35 4.38 -1.88
C ALA A 173 -11.60 3.30 -2.66
N THR A 174 -11.86 3.23 -3.97
CA THR A 174 -10.98 2.52 -4.87
C THR A 174 -10.17 3.52 -5.72
N VAL A 175 -8.99 3.08 -6.11
CA VAL A 175 -8.15 3.80 -7.07
C VAL A 175 -8.02 2.94 -8.31
N ASP A 176 -8.30 3.52 -9.47
CA ASP A 176 -8.14 2.83 -10.75
C ASP A 176 -6.65 2.74 -11.12
N ILE A 177 -6.21 1.55 -11.47
CA ILE A 177 -4.85 1.37 -11.98
C ILE A 177 -4.91 1.70 -13.47
N ARG A 178 -4.06 2.62 -13.90
CA ARG A 178 -4.11 3.12 -15.29
C ARG A 178 -2.73 3.26 -15.90
N ARG A 179 -2.55 2.68 -17.08
CA ARG A 179 -1.31 2.86 -17.83
C ARG A 179 -1.00 4.34 -18.05
N GLN A 180 -2.03 5.13 -18.34
CA GLN A 180 -1.85 6.58 -18.58
C GLN A 180 -1.39 7.32 -17.33
N THR A 181 -1.98 6.99 -16.18
CA THR A 181 -1.52 7.53 -14.90
C THR A 181 -0.04 7.22 -14.68
N LEU A 182 0.35 5.98 -14.91
CA LEU A 182 1.73 5.53 -14.73
C LEU A 182 2.69 6.21 -15.69
N ASP A 183 2.28 6.34 -16.96
CA ASP A 183 3.12 6.98 -17.99
C ASP A 183 3.53 8.39 -17.58
N VAL A 184 2.56 9.18 -17.10
CA VAL A 184 2.82 10.53 -16.61
C VAL A 184 3.76 10.51 -15.41
N LEU A 185 3.54 9.59 -14.47
CA LEU A 185 4.40 9.48 -13.29
C LEU A 185 5.84 9.08 -13.64
N HIS A 186 6.01 8.19 -14.61
CA HIS A 186 7.35 7.81 -15.10
C HIS A 186 8.10 9.03 -15.61
N ASP A 187 7.41 9.87 -16.39
CA ASP A 187 7.97 11.12 -16.90
C ASP A 187 8.35 12.05 -15.76
N ARG A 188 7.47 12.15 -14.76
CA ARG A 188 7.68 13.05 -13.63
C ARG A 188 8.82 12.62 -12.72
N ILE A 189 8.94 11.32 -12.46
CA ILE A 189 10.04 10.81 -11.64
C ILE A 189 11.33 10.66 -12.46
N GLY A 190 11.22 10.76 -13.77
CA GLY A 190 12.36 10.67 -14.69
C GLY A 190 13.01 9.29 -14.74
N MET A 191 12.19 8.25 -14.62
CA MET A 191 12.65 6.86 -14.65
C MET A 191 11.63 5.99 -15.38
N PRO A 192 12.09 5.07 -16.25
CA PRO A 192 11.16 4.21 -16.99
C PRO A 192 10.58 3.09 -16.12
N SER A 193 11.21 2.81 -14.98
CA SER A 193 10.77 1.77 -14.05
C SER A 193 11.24 2.08 -12.63
N ILE A 194 10.35 1.85 -11.66
CA ILE A 194 10.67 2.12 -10.26
C ILE A 194 10.57 0.86 -9.37
N VAL A 195 9.97 -0.21 -9.91
CA VAL A 195 9.78 -1.44 -9.16
C VAL A 195 10.78 -2.52 -9.59
N GLN A 196 11.54 -3.01 -8.61
CA GLN A 196 12.47 -4.12 -8.82
C GLN A 196 11.85 -5.41 -8.28
N GLN A 197 11.90 -6.48 -9.08
CA GLN A 197 11.36 -7.78 -8.67
C GLN A 197 12.42 -8.89 -8.74
N ASP A 198 13.11 -9.09 -7.62
CA ASP A 198 14.16 -10.10 -7.51
C ASP A 198 13.61 -11.46 -7.07
N GLY A 199 14.32 -12.52 -7.44
CA GLY A 199 13.90 -13.88 -7.11
C GLY A 199 12.75 -14.36 -7.98
N PRO A 200 12.06 -15.44 -7.55
CA PRO A 200 10.96 -16.03 -8.32
C PRO A 200 9.83 -15.04 -8.63
N ARG A 201 9.19 -15.23 -9.77
CA ARG A 201 8.08 -14.39 -10.23
C ARG A 201 6.81 -14.65 -9.40
N LEU A 202 6.18 -13.57 -8.95
CA LEU A 202 4.91 -13.66 -8.25
C LEU A 202 3.73 -13.58 -9.22
N ASP A 203 2.81 -14.53 -9.14
CA ASP A 203 1.55 -14.44 -9.89
C ASP A 203 0.44 -14.03 -8.92
N ALA A 204 0.34 -12.73 -8.68
CA ALA A 204 -0.55 -12.20 -7.65
C ALA A 204 -2.01 -12.56 -7.85
N VAL A 205 -2.52 -12.38 -9.07
CA VAL A 205 -3.93 -12.65 -9.37
C VAL A 205 -4.27 -14.13 -9.19
N ALA A 206 -3.38 -15.01 -9.62
CA ALA A 206 -3.54 -16.45 -9.40
C ALA A 206 -3.63 -16.76 -7.91
N ARG A 207 -2.69 -16.23 -7.12
CA ARG A 207 -2.70 -16.39 -5.66
C ARG A 207 -4.00 -15.92 -5.03
N ALA A 208 -4.48 -14.75 -5.44
CA ALA A 208 -5.74 -14.19 -4.91
C ALA A 208 -6.94 -15.06 -5.26
N ASN A 209 -6.94 -15.64 -6.47
CA ASN A 209 -7.98 -16.59 -6.86
C ASN A 209 -8.01 -17.82 -5.95
N LEU A 210 -6.83 -18.31 -5.57
CA LEU A 210 -6.70 -19.45 -4.65
C LEU A 210 -7.25 -19.14 -3.26
N CYS A 211 -7.06 -17.90 -2.82
CA CYS A 211 -7.52 -17.44 -1.50
C CYS A 211 -9.04 -17.50 -1.31
N GLY A 212 -9.79 -17.20 -2.35
CA GLY A 212 -11.25 -17.31 -2.29
C GLY A 212 -11.74 -18.67 -2.80
#